data_6IO6
#
_entry.id   6IO6
#
_cell.length_a   122.260
_cell.length_b   122.260
_cell.length_c   157.780
_cell.angle_alpha   90.000
_cell.angle_beta   90.000
_cell.angle_gamma   90.000
#
_symmetry.space_group_name_H-M   'I 41 2 2'
#
loop_
_entity.id
_entity.type
_entity.pdbx_description
1 polymer 'Glyceraldehyde-3-phosphate dehydrogenase A'
2 non-polymer 'SILVER ION'
3 water water
#
_entity_poly.entity_id   1
_entity_poly.type   'polypeptide(L)'
_entity_poly.pdbx_seq_one_letter_code
;IKVGINGFGRIGRIVFRAAQKRSDIEIVAINDLLDADYMAYMLKYDSTHGRFDGTVEVKDGHLIVNGKKIRVTAERGPAN
LKWDEVGVDVVAEATGLFLTDETARKHITAGAKKVVMTGPSKDNTPMFVKGANFDKYAGQDIVSNASCTTNCLAPLAKVI
NDNFGIIEGLMTTVHATTATQKTVDGPSHKDWRGGRGASQNIIPSSTGAAKAVGKVLPELNGKLTGMAFRVPTPNVSVVD
LTVRLEKAATYEQIKAAVKAAAEGEMKGVLGYTEDDVVSTDFNGEVCTSVFDAKAGIALNDNFVKLVSWYDNETGYSNKV
LDLIAHISK
;
_entity_poly.pdbx_strand_id   A
#
loop_
_chem_comp.id
_chem_comp.type
_chem_comp.name
_chem_comp.formula
AG non-polymer 'SILVER ION' 'Ag 1'
#
# COMPACT_ATOMS: atom_id res chain seq x y z
N ILE A 1 12.48 -15.27 -3.38
CA ILE A 1 12.41 -16.14 -2.22
C ILE A 1 13.27 -15.61 -1.06
N LYS A 2 14.19 -14.70 -1.36
CA LYS A 2 15.04 -14.09 -0.35
C LYS A 2 15.06 -12.58 -0.55
N VAL A 3 14.65 -11.83 0.47
CA VAL A 3 14.37 -10.41 0.36
C VAL A 3 15.14 -9.63 1.42
N GLY A 4 15.58 -8.43 1.06
CA GLY A 4 16.15 -7.49 2.00
C GLY A 4 15.27 -6.25 2.10
N ILE A 5 15.15 -5.72 3.32
CA ILE A 5 14.31 -4.56 3.60
C ILE A 5 15.20 -3.38 3.92
N ASN A 6 14.95 -2.25 3.26
CA ASN A 6 15.64 -1.00 3.54
C ASN A 6 14.61 -0.02 4.11
N GLY A 7 14.78 0.33 5.38
CA GLY A 7 13.83 1.20 6.04
C GLY A 7 12.86 0.41 6.90
N PHE A 8 12.85 0.68 8.21
CA PHE A 8 12.02 -0.05 9.15
C PHE A 8 10.88 0.81 9.69
N GLY A 9 10.23 1.57 8.80
CA GLY A 9 9.10 2.37 9.19
C GLY A 9 7.86 1.52 9.36
N ARG A 10 6.71 2.20 9.39
CA ARG A 10 5.44 1.50 9.49
C ARG A 10 5.30 0.46 8.39
N ILE A 11 5.63 0.84 7.15
CA ILE A 11 5.49 -0.08 6.03
C ILE A 11 6.51 -1.21 6.11
N GLY A 12 7.74 -0.90 6.51
CA GLY A 12 8.78 -1.93 6.54
C GLY A 12 8.50 -3.01 7.56
N ARG A 13 7.99 -2.63 8.73
CA ARG A 13 7.77 -3.62 9.79
C ARG A 13 6.55 -4.50 9.48
N ILE A 14 5.51 -3.94 8.87
CA ILE A 14 4.35 -4.75 8.54
C ILE A 14 4.64 -5.67 7.36
N VAL A 15 5.51 -5.24 6.45
CA VAL A 15 5.98 -6.14 5.39
C VAL A 15 6.71 -7.33 6.01
N PHE A 16 7.51 -7.07 7.05
CA PHE A 16 8.23 -8.15 7.72
C PHE A 16 7.27 -9.13 8.40
N ARG A 17 6.25 -8.60 9.10
CA ARG A 17 5.33 -9.47 9.81
C ARG A 17 4.55 -10.36 8.84
N ALA A 18 4.08 -9.78 7.73
CA ALA A 18 3.31 -10.55 6.76
C ALA A 18 4.16 -11.60 6.07
N ALA A 19 5.47 -11.37 5.96
CA ALA A 19 6.34 -12.34 5.29
C ALA A 19 6.53 -13.60 6.12
N GLN A 20 6.41 -13.50 7.45
CA GLN A 20 6.56 -14.68 8.30
C GLN A 20 5.49 -15.71 8.02
N LYS A 21 4.29 -15.27 7.64
CA LYS A 21 3.17 -16.16 7.37
C LYS A 21 3.19 -16.72 5.95
N ARG A 22 4.33 -16.71 5.27
CA ARG A 22 4.41 -17.12 3.88
C ARG A 22 5.48 -18.19 3.70
N SER A 23 5.29 -19.00 2.65
CA SER A 23 6.20 -20.08 2.32
C SER A 23 7.17 -19.74 1.20
N ASP A 24 6.85 -18.74 0.38
CA ASP A 24 7.62 -18.42 -0.81
C ASP A 24 8.70 -17.37 -0.58
N ILE A 25 8.65 -16.65 0.54
CA ILE A 25 9.50 -15.49 0.77
C ILE A 25 10.16 -15.62 2.13
N GLU A 26 11.47 -15.41 2.17
CA GLU A 26 12.24 -15.40 3.41
C GLU A 26 13.07 -14.12 3.46
N ILE A 27 12.78 -13.26 4.42
CA ILE A 27 13.59 -12.05 4.63
C ILE A 27 14.87 -12.44 5.34
N VAL A 28 15.98 -11.81 4.97
CA VAL A 28 17.28 -12.20 5.52
C VAL A 28 18.09 -10.99 5.94
N ALA A 29 17.68 -9.79 5.52
CA ALA A 29 18.48 -8.61 5.79
C ALA A 29 17.57 -7.40 5.98
N ILE A 30 18.01 -6.48 6.85
CA ILE A 30 17.28 -5.25 7.15
C ILE A 30 18.29 -4.12 7.34
N ASN A 31 17.91 -2.92 6.90
CA ASN A 31 18.74 -1.74 7.02
C ASN A 31 17.92 -0.58 7.54
N ASP A 32 18.44 0.13 8.54
CA ASP A 32 17.84 1.36 9.03
C ASP A 32 18.82 2.08 9.95
N LEU A 33 18.45 3.29 10.34
CA LEU A 33 19.30 4.16 11.15
C LEU A 33 19.18 3.88 12.64
N LEU A 34 18.86 2.64 13.01
CA LEU A 34 18.55 2.32 14.39
C LEU A 34 19.31 1.08 14.84
N ASP A 35 19.48 0.97 16.16
CA ASP A 35 20.16 -0.17 16.76
C ASP A 35 19.33 -1.45 16.58
N ALA A 36 19.93 -2.58 16.98
CA ALA A 36 19.25 -3.86 16.82
C ALA A 36 18.27 -4.13 17.96
N ASP A 37 18.65 -3.81 19.20
CA ASP A 37 17.74 -4.00 20.32
C ASP A 37 16.52 -3.08 20.20
N TYR A 38 16.70 -1.90 19.59
CA TYR A 38 15.57 -1.01 19.38
C TYR A 38 14.63 -1.56 18.32
N MET A 39 15.19 -2.10 17.23
CA MET A 39 14.34 -2.71 16.20
C MET A 39 13.59 -3.91 16.76
N ALA A 40 14.24 -4.71 17.61
CA ALA A 40 13.55 -5.82 18.26
C ALA A 40 12.37 -5.33 19.08
N TYR A 41 12.49 -4.16 19.71
CA TYR A 41 11.39 -3.60 20.48
C TYR A 41 10.28 -3.12 19.55
N MET A 42 10.63 -2.40 18.48
CA MET A 42 9.61 -1.87 17.58
C MET A 42 8.86 -2.99 16.86
N LEU A 43 9.50 -4.15 16.70
CA LEU A 43 8.85 -5.28 16.06
C LEU A 43 8.03 -6.09 17.07
N LYS A 44 8.48 -6.16 18.32
CA LYS A 44 7.79 -6.94 19.33
C LYS A 44 6.46 -6.30 19.71
N TYR A 45 6.43 -4.99 19.88
CA TYR A 45 5.26 -4.27 20.35
C TYR A 45 4.75 -3.32 19.27
N ASP A 46 3.44 -3.31 19.07
CA ASP A 46 2.81 -2.39 18.14
C ASP A 46 1.47 -1.94 18.71
N SER A 47 1.21 -0.63 18.64
CA SER A 47 -0.05 -0.11 19.17
C SER A 47 -1.24 -0.43 18.29
N THR A 48 -1.01 -0.75 17.01
CA THR A 48 -2.10 -0.98 16.07
C THR A 48 -2.33 -2.46 15.76
N HIS A 49 -1.28 -3.27 15.74
CA HIS A 49 -1.41 -4.67 15.34
C HIS A 49 -1.06 -5.65 16.46
N GLY A 50 -0.90 -5.17 17.69
CA GLY A 50 -0.67 -6.05 18.81
C GLY A 50 0.75 -6.59 18.87
N ARG A 51 0.97 -7.49 19.82
CA ARG A 51 2.28 -8.07 20.03
C ARG A 51 2.66 -8.97 18.87
N PHE A 52 3.96 -9.07 18.60
CA PHE A 52 4.45 -9.94 17.55
C PHE A 52 4.15 -11.40 17.90
N ASP A 53 3.64 -12.13 16.92
CA ASP A 53 3.29 -13.54 17.12
C ASP A 53 4.48 -14.43 16.78
N GLY A 54 5.44 -14.44 17.69
CA GLY A 54 6.64 -15.25 17.49
C GLY A 54 7.75 -14.84 18.44
N THR A 55 8.95 -15.30 18.13
CA THR A 55 10.13 -15.08 18.95
C THR A 55 11.01 -14.00 18.34
N VAL A 56 11.55 -13.13 19.20
CA VAL A 56 12.51 -12.11 18.79
C VAL A 56 13.61 -12.05 19.84
N GLU A 57 14.86 -12.20 19.42
CA GLU A 57 16.01 -12.08 20.30
C GLU A 57 17.15 -11.42 19.54
N VAL A 58 18.04 -10.76 20.29
CA VAL A 58 19.20 -10.09 19.73
C VAL A 58 20.44 -10.87 20.13
N LYS A 59 21.19 -11.34 19.14
CA LYS A 59 22.39 -12.14 19.37
C LYS A 59 23.54 -11.54 18.56
N ASP A 60 24.47 -10.88 19.26
CA ASP A 60 25.66 -10.30 18.63
C ASP A 60 25.29 -9.32 17.52
N GLY A 61 24.45 -8.35 17.86
CA GLY A 61 24.07 -7.31 16.93
C GLY A 61 23.16 -7.74 15.79
N HIS A 62 22.63 -8.96 15.84
CA HIS A 62 21.75 -9.46 14.80
C HIS A 62 20.46 -9.96 15.43
N LEU A 63 19.42 -10.03 14.61
CA LEU A 63 18.10 -10.45 15.05
C LEU A 63 17.89 -11.93 14.77
N ILE A 64 17.19 -12.60 15.68
CA ILE A 64 16.82 -14.00 15.52
C ILE A 64 15.31 -14.08 15.74
N VAL A 65 14.56 -14.15 14.65
CA VAL A 65 13.10 -14.28 14.70
C VAL A 65 12.73 -15.69 14.25
N ASN A 66 11.98 -16.40 15.09
CA ASN A 66 11.57 -17.78 14.83
C ASN A 66 12.77 -18.65 14.47
N GLY A 67 13.88 -18.44 15.17
CA GLY A 67 15.09 -19.22 14.97
C GLY A 67 15.95 -18.79 13.81
N LYS A 68 15.40 -18.09 12.82
CA LYS A 68 16.18 -17.65 11.68
C LYS A 68 16.89 -16.34 12.00
N LYS A 69 18.15 -16.23 11.56
CA LYS A 69 18.97 -15.08 11.86
C LYS A 69 18.84 -14.04 10.74
N ILE A 70 18.62 -12.79 11.12
CA ILE A 70 18.51 -11.68 10.17
C ILE A 70 19.73 -10.79 10.34
N ARG A 71 20.36 -10.44 9.22
CA ARG A 71 21.50 -9.53 9.24
C ARG A 71 21.01 -8.09 9.35
N VAL A 72 21.60 -7.33 10.27
CA VAL A 72 21.15 -5.98 10.59
C VAL A 72 22.28 -5.01 10.24
N THR A 73 22.04 -4.16 9.24
CA THR A 73 22.97 -3.11 8.85
C THR A 73 22.51 -1.76 9.40
N ALA A 74 23.14 -0.69 8.92
CA ALA A 74 22.80 0.66 9.34
C ALA A 74 23.38 1.70 8.40
N GLU A 75 24.10 1.26 7.37
CA GLU A 75 24.74 2.19 6.46
C GLU A 75 23.71 2.92 5.59
N ARG A 76 23.88 4.22 5.45
CA ARG A 76 22.96 5.06 4.70
C ARG A 76 23.38 5.26 3.25
N GLY A 77 24.42 4.57 2.80
CA GLY A 77 24.85 4.62 1.42
C GLY A 77 24.59 3.31 0.71
N PRO A 78 23.46 3.23 -0.01
CA PRO A 78 22.97 1.94 -0.53
C PRO A 78 23.98 1.13 -1.33
N ALA A 79 25.02 1.77 -1.86
CA ALA A 79 26.00 1.03 -2.66
C ALA A 79 26.75 0.00 -1.82
N ASN A 80 27.08 0.33 -0.58
CA ASN A 80 27.82 -0.55 0.30
C ASN A 80 26.93 -1.48 1.11
N LEU A 81 25.65 -1.64 0.71
CA LEU A 81 24.75 -2.51 1.45
C LEU A 81 25.14 -3.98 1.36
N LYS A 82 26.11 -4.36 0.51
CA LYS A 82 26.61 -5.73 0.40
C LYS A 82 25.43 -6.72 0.29
N TRP A 83 24.51 -6.44 -0.64
CA TRP A 83 23.35 -7.31 -0.82
C TRP A 83 23.77 -8.69 -1.27
N ASP A 84 24.87 -8.78 -2.03
CA ASP A 84 25.30 -10.05 -2.58
C ASP A 84 25.92 -10.95 -1.51
N GLU A 85 26.32 -10.39 -0.36
CA GLU A 85 26.95 -11.17 0.69
C GLU A 85 26.02 -12.26 1.22
N VAL A 86 24.87 -11.86 1.74
CA VAL A 86 23.81 -12.82 2.10
C VAL A 86 22.97 -13.19 0.88
N GLY A 87 23.25 -12.59 -0.29
CA GLY A 87 22.63 -12.97 -1.54
C GLY A 87 21.11 -12.87 -1.54
N VAL A 88 20.61 -11.64 -1.76
CA VAL A 88 19.17 -11.35 -1.85
C VAL A 88 18.81 -11.14 -3.31
N ASP A 89 17.63 -11.61 -3.71
CA ASP A 89 17.15 -11.48 -5.08
C ASP A 89 16.38 -10.17 -5.28
N VAL A 90 15.50 -9.84 -4.34
CA VAL A 90 14.68 -8.64 -4.42
C VAL A 90 14.89 -7.81 -3.17
N VAL A 91 14.87 -6.49 -3.32
CA VAL A 91 14.99 -5.54 -2.22
C VAL A 91 13.72 -4.71 -2.14
N ALA A 92 13.08 -4.73 -0.98
CA ALA A 92 11.91 -3.88 -0.72
C ALA A 92 12.40 -2.57 -0.13
N GLU A 93 12.28 -1.50 -0.91
CA GLU A 93 12.87 -0.21 -0.58
C GLU A 93 11.76 0.67 -0.02
N ALA A 94 11.82 0.93 1.30
CA ALA A 94 10.77 1.66 2.00
C ALA A 94 11.29 2.86 2.78
N THR A 95 12.37 3.51 2.31
CA THR A 95 12.81 4.76 2.92
C THR A 95 11.83 5.89 2.63
N GLY A 96 11.26 5.90 1.43
CA GLY A 96 10.58 7.08 0.95
C GLY A 96 11.52 8.15 0.44
N LEU A 97 12.82 7.85 0.33
CA LEU A 97 13.81 8.79 -0.15
C LEU A 97 14.44 8.41 -1.48
N PHE A 98 14.36 7.13 -1.88
CA PHE A 98 14.91 6.70 -3.16
C PHE A 98 13.81 6.20 -4.07
N LEU A 99 12.83 7.05 -4.36
CA LEU A 99 11.77 6.73 -5.31
C LEU A 99 12.12 7.14 -6.73
N THR A 100 13.40 7.11 -7.07
CA THR A 100 13.90 7.45 -8.39
C THR A 100 14.74 6.31 -8.92
N ASP A 101 14.83 6.21 -10.25
CA ASP A 101 15.59 5.12 -10.86
C ASP A 101 17.07 5.22 -10.52
N GLU A 102 17.62 6.43 -10.55
CA GLU A 102 19.04 6.63 -10.26
C GLU A 102 19.37 6.14 -8.85
N THR A 103 18.58 6.56 -7.86
CA THR A 103 18.86 6.21 -6.47
C THR A 103 18.60 4.73 -6.21
N ALA A 104 17.52 4.19 -6.77
CA ALA A 104 17.18 2.80 -6.51
C ALA A 104 18.17 1.83 -7.13
N ARG A 105 18.80 2.23 -8.25
CA ARG A 105 19.75 1.35 -8.91
C ARG A 105 21.01 1.11 -8.10
N LYS A 106 21.27 1.91 -7.06
CA LYS A 106 22.37 1.62 -6.15
C LYS A 106 22.21 0.28 -5.47
N HIS A 107 21.00 -0.28 -5.44
CA HIS A 107 20.76 -1.55 -4.75
C HIS A 107 21.27 -2.74 -5.57
N ILE A 108 20.89 -2.81 -6.85
CA ILE A 108 21.42 -3.84 -7.74
C ILE A 108 22.88 -3.57 -8.09
N THR A 109 23.34 -2.33 -7.94
CA THR A 109 24.77 -2.08 -7.90
C THR A 109 25.42 -2.87 -6.77
N ALA A 110 24.72 -3.00 -5.64
CA ALA A 110 25.23 -3.67 -4.45
C ALA A 110 25.03 -5.18 -4.48
N GLY A 111 24.43 -5.73 -5.54
CA GLY A 111 24.34 -7.17 -5.69
C GLY A 111 22.96 -7.78 -5.57
N ALA A 112 21.91 -6.98 -5.48
CA ALA A 112 20.58 -7.54 -5.56
C ALA A 112 20.20 -7.76 -7.02
N LYS A 113 19.03 -8.34 -7.25
CA LYS A 113 18.60 -8.59 -8.62
C LYS A 113 17.43 -7.73 -9.06
N LYS A 114 16.53 -7.35 -8.15
CA LYS A 114 15.41 -6.48 -8.49
C LYS A 114 15.09 -5.59 -7.30
N VAL A 115 14.38 -4.50 -7.59
CA VAL A 115 14.03 -3.52 -6.57
C VAL A 115 12.53 -3.19 -6.69
N VAL A 116 11.81 -3.31 -5.58
CA VAL A 116 10.42 -2.90 -5.49
C VAL A 116 10.33 -1.70 -4.55
N MET A 117 9.75 -0.61 -5.05
CA MET A 117 9.56 0.59 -4.25
C MET A 117 8.18 0.58 -3.62
N THR A 118 8.14 0.71 -2.29
CA THR A 118 6.89 0.72 -1.54
C THR A 118 6.20 2.08 -1.56
N GLY A 119 6.38 2.85 -2.62
CA GLY A 119 5.70 4.12 -2.78
C GLY A 119 5.56 4.48 -4.25
N PRO A 120 4.79 5.52 -4.54
CA PRO A 120 4.63 5.94 -5.93
C PRO A 120 5.93 6.57 -6.46
N SER A 121 6.29 6.19 -7.68
CA SER A 121 7.49 6.72 -8.29
C SER A 121 7.36 8.20 -8.59
N LYS A 122 8.49 8.91 -8.59
CA LYS A 122 8.53 10.31 -8.96
C LYS A 122 9.17 10.56 -10.32
N ASP A 123 9.93 9.61 -10.85
CA ASP A 123 10.23 9.64 -12.28
C ASP A 123 9.14 8.85 -13.01
N ASN A 124 9.52 8.06 -14.01
CA ASN A 124 8.57 7.20 -14.72
C ASN A 124 8.99 5.74 -14.63
N THR A 125 9.46 5.33 -13.45
CA THR A 125 9.56 3.91 -13.13
C THR A 125 8.15 3.30 -13.17
N PRO A 126 7.95 2.16 -13.82
CA PRO A 126 6.59 1.64 -13.97
C PRO A 126 5.95 1.31 -12.63
N MET A 127 4.64 1.47 -12.57
CA MET A 127 3.85 1.14 -11.39
C MET A 127 2.97 -0.07 -11.67
N PHE A 128 2.70 -0.84 -10.62
CA PHE A 128 1.90 -2.06 -10.75
C PHE A 128 1.01 -2.23 -9.54
N VAL A 129 -0.28 -2.45 -9.79
CA VAL A 129 -1.28 -2.69 -8.75
C VAL A 129 -1.96 -4.00 -9.05
N LYS A 130 -2.05 -4.87 -8.04
CA LYS A 130 -2.62 -6.19 -8.26
C LYS A 130 -4.09 -6.10 -8.66
N GLY A 131 -4.50 -6.96 -9.58
CA GLY A 131 -5.81 -6.88 -10.18
C GLY A 131 -5.98 -5.78 -11.21
N ALA A 132 -5.12 -4.77 -11.19
CA ALA A 132 -5.17 -3.68 -12.16
C ALA A 132 -4.25 -3.94 -13.35
N ASN A 133 -2.92 -3.98 -13.12
CA ASN A 133 -2.01 -4.12 -14.25
C ASN A 133 -0.82 -5.00 -13.93
N PHE A 134 -1.02 -6.05 -13.12
CA PHE A 134 0.03 -7.06 -12.98
C PHE A 134 0.19 -7.84 -14.29
N ASP A 135 -0.88 -7.96 -15.08
CA ASP A 135 -0.78 -8.65 -16.36
C ASP A 135 0.35 -8.09 -17.22
N LYS A 136 0.56 -6.77 -17.19
CA LYS A 136 1.41 -6.10 -18.15
C LYS A 136 2.85 -5.89 -17.67
N TYR A 137 3.29 -6.64 -16.66
CA TYR A 137 4.69 -6.59 -16.26
C TYR A 137 5.58 -7.12 -17.38
N ALA A 138 6.67 -6.39 -17.66
CA ALA A 138 7.53 -6.67 -18.82
C ALA A 138 8.97 -6.98 -18.42
N GLY A 139 9.18 -7.45 -17.20
CA GLY A 139 10.49 -7.92 -16.79
C GLY A 139 11.46 -6.84 -16.34
N GLN A 140 10.98 -5.65 -16.01
CA GLN A 140 11.87 -4.59 -15.54
C GLN A 140 12.50 -4.98 -14.20
N ASP A 141 13.66 -4.37 -13.92
CA ASP A 141 14.39 -4.66 -12.70
C ASP A 141 14.07 -3.71 -11.56
N ILE A 142 13.35 -2.62 -11.82
CA ILE A 142 12.89 -1.70 -10.79
C ILE A 142 11.42 -1.40 -11.05
N VAL A 143 10.60 -1.54 -10.00
CA VAL A 143 9.16 -1.36 -10.09
C VAL A 143 8.66 -0.61 -8.87
N SER A 144 7.40 -0.16 -8.95
CA SER A 144 6.73 0.51 -7.85
C SER A 144 5.35 -0.11 -7.66
N ASN A 145 4.89 -0.14 -6.41
CA ASN A 145 3.58 -0.66 -6.08
C ASN A 145 2.57 0.45 -5.79
N ALA A 146 2.84 1.67 -6.25
CA ALA A 146 1.93 2.80 -6.09
C ALA A 146 1.66 3.13 -4.63
N SER A 147 0.54 3.78 -4.35
CA SER A 147 0.23 4.29 -3.01
C SER A 147 -0.79 3.39 -2.32
N CYS A 148 -0.96 3.64 -1.02
CA CYS A 148 -1.99 2.95 -0.27
C CYS A 148 -3.37 3.19 -0.88
N THR A 149 -3.64 4.44 -1.27
CA THR A 149 -4.96 4.79 -1.79
C THR A 149 -5.16 4.31 -3.23
N THR A 150 -4.10 4.30 -4.03
CA THR A 150 -4.24 3.81 -5.41
C THR A 150 -4.51 2.31 -5.44
N ASN A 151 -3.93 1.55 -4.50
CA ASN A 151 -4.22 0.13 -4.43
C ASN A 151 -5.65 -0.17 -4.07
N CYS A 152 -6.39 0.80 -3.55
CA CYS A 152 -7.79 0.60 -3.21
C CYS A 152 -8.71 1.08 -4.33
N LEU A 153 -8.34 2.18 -4.99
CA LEU A 153 -9.21 2.76 -6.01
C LEU A 153 -9.14 2.00 -7.33
N ALA A 154 -7.94 1.54 -7.72
CA ALA A 154 -7.79 0.96 -9.06
C ALA A 154 -8.58 -0.34 -9.23
N PRO A 155 -8.50 -1.34 -8.34
CA PRO A 155 -9.28 -2.56 -8.58
C PRO A 155 -10.77 -2.31 -8.68
N LEU A 156 -11.31 -1.43 -7.83
CA LEU A 156 -12.73 -1.11 -7.92
C LEU A 156 -13.06 -0.40 -9.23
N ALA A 157 -12.22 0.57 -9.64
CA ALA A 157 -12.51 1.32 -10.85
C ALA A 157 -12.42 0.45 -12.10
N LYS A 158 -11.55 -0.55 -12.11
CA LYS A 158 -11.48 -1.46 -13.26
C LYS A 158 -12.79 -2.22 -13.41
N VAL A 159 -13.33 -2.74 -12.32
CA VAL A 159 -14.59 -3.48 -12.36
C VAL A 159 -15.72 -2.59 -12.85
N ILE A 160 -15.78 -1.36 -12.35
CA ILE A 160 -16.87 -0.45 -12.73
C ILE A 160 -16.73 -0.05 -14.20
N ASN A 161 -15.50 0.19 -14.65
CA ASN A 161 -15.31 0.69 -16.02
C ASN A 161 -15.55 -0.41 -17.05
N ASP A 162 -15.17 -1.64 -16.74
CA ASP A 162 -15.31 -2.72 -17.71
C ASP A 162 -16.76 -3.20 -17.85
N ASN A 163 -17.60 -3.01 -16.83
CA ASN A 163 -18.99 -3.40 -16.91
C ASN A 163 -19.89 -2.29 -17.44
N PHE A 164 -19.64 -1.05 -17.01
CA PHE A 164 -20.55 0.05 -17.29
C PHE A 164 -19.90 1.27 -17.97
N GLY A 165 -18.59 1.40 -17.94
CA GLY A 165 -17.93 2.52 -18.58
C GLY A 165 -18.02 3.82 -17.80
N ILE A 166 -16.88 4.37 -17.42
CA ILE A 166 -16.82 5.59 -16.63
C ILE A 166 -16.59 6.77 -17.56
N ILE A 167 -17.51 7.73 -17.55
CA ILE A 167 -17.30 8.98 -18.29
C ILE A 167 -16.42 9.93 -17.50
N GLU A 168 -16.69 10.09 -16.20
CA GLU A 168 -15.92 10.97 -15.36
C GLU A 168 -16.09 10.55 -13.91
N GLY A 169 -15.09 10.87 -13.09
CA GLY A 169 -15.15 10.53 -11.69
C GLY A 169 -14.42 11.48 -10.76
N LEU A 170 -15.00 11.71 -9.59
CA LEU A 170 -14.38 12.48 -8.53
C LEU A 170 -14.40 11.63 -7.27
N MET A 171 -13.24 11.50 -6.62
CA MET A 171 -13.14 10.67 -5.43
C MET A 171 -12.62 11.48 -4.25
N THR A 172 -13.03 11.07 -3.05
CA THR A 172 -12.49 11.65 -1.82
C THR A 172 -12.23 10.54 -0.83
N THR A 173 -11.03 10.52 -0.25
CA THR A 173 -10.69 9.53 0.75
C THR A 173 -10.65 10.19 2.11
N VAL A 174 -11.38 9.60 3.05
CA VAL A 174 -11.26 9.93 4.46
C VAL A 174 -10.09 9.09 4.99
N HIS A 175 -8.95 9.73 5.16
CA HIS A 175 -7.69 9.05 5.42
C HIS A 175 -7.34 9.10 6.90
N ALA A 176 -6.85 7.98 7.42
CA ALA A 176 -6.38 7.91 8.79
C ALA A 176 -5.06 8.66 8.94
N THR A 177 -4.67 8.88 10.19
CA THR A 177 -3.47 9.66 10.48
C THR A 177 -2.22 8.86 10.14
N THR A 178 -1.23 9.55 9.57
CA THR A 178 0.05 8.94 9.20
C THR A 178 1.17 9.54 10.03
N ALA A 179 2.39 9.07 9.76
CA ALA A 179 3.57 9.52 10.50
C ALA A 179 4.04 10.91 10.08
N THR A 180 3.49 11.47 9.00
CA THR A 180 3.89 12.78 8.52
C THR A 180 3.17 13.92 9.22
N GLN A 181 2.15 13.64 10.01
CA GLN A 181 1.41 14.66 10.72
C GLN A 181 1.99 14.86 12.12
N LYS A 182 1.41 15.81 12.86
CA LYS A 182 1.94 16.22 14.15
C LYS A 182 0.88 16.07 15.24
N THR A 183 1.36 15.90 16.48
CA THR A 183 0.46 15.76 17.62
C THR A 183 -0.15 17.10 18.00
N VAL A 184 0.68 18.14 18.15
CA VAL A 184 0.21 19.49 18.34
C VAL A 184 0.58 20.33 17.13
N ASP A 185 0.16 21.59 17.11
CA ASP A 185 0.44 22.47 15.97
C ASP A 185 1.93 22.66 15.78
N GLY A 186 2.45 22.24 14.63
CA GLY A 186 3.87 22.28 14.38
C GLY A 186 4.22 22.75 12.99
N PRO A 187 5.52 22.87 12.70
CA PRO A 187 5.96 23.37 11.40
C PRO A 187 5.91 22.29 10.31
N SER A 188 5.52 22.72 9.11
CA SER A 188 5.45 21.84 7.94
C SER A 188 5.32 22.70 6.69
N HIS A 189 6.46 23.08 6.08
CA HIS A 189 6.42 24.14 5.08
C HIS A 189 5.89 23.69 3.72
N LYS A 190 5.84 22.38 3.45
CA LYS A 190 5.29 21.94 2.18
C LYS A 190 3.76 21.95 2.20
N ASP A 191 3.16 21.60 3.32
CA ASP A 191 1.70 21.57 3.47
C ASP A 191 1.35 22.18 4.82
N TRP A 192 0.83 23.42 4.78
CA TRP A 192 0.58 24.15 6.03
C TRP A 192 -0.53 23.49 6.85
N ARG A 193 -1.56 22.97 6.17
CA ARG A 193 -2.60 22.26 6.90
C ARG A 193 -2.06 21.00 7.58
N GLY A 194 -1.10 20.32 6.94
CA GLY A 194 -0.57 19.08 7.47
C GLY A 194 0.16 19.23 8.79
N GLY A 195 0.69 20.42 9.07
CA GLY A 195 1.36 20.66 10.34
C GLY A 195 0.45 20.86 11.51
N ARG A 196 -0.85 21.05 11.28
CA ARG A 196 -1.77 21.25 12.37
C ARG A 196 -2.01 19.94 13.12
N GLY A 197 -2.43 20.07 14.37
CA GLY A 197 -2.65 18.93 15.25
C GLY A 197 -3.56 17.88 14.64
N ALA A 198 -3.06 16.64 14.53
CA ALA A 198 -3.86 15.59 13.91
C ALA A 198 -4.95 15.09 14.84
N SER A 199 -4.71 15.09 16.16
CA SER A 199 -5.68 14.57 17.11
C SER A 199 -6.94 15.43 17.24
N GLN A 200 -6.94 16.65 16.68
CA GLN A 200 -8.03 17.58 16.90
C GLN A 200 -8.68 18.12 15.64
N ASN A 201 -8.28 17.65 14.46
CA ASN A 201 -8.67 18.34 13.23
C ASN A 201 -9.09 17.35 12.15
N ILE A 202 -10.03 17.78 11.33
CA ILE A 202 -10.22 17.26 9.98
C ILE A 202 -9.33 18.09 9.06
N ILE A 203 -8.34 17.45 8.46
CA ILE A 203 -7.31 18.19 7.72
C ILE A 203 -7.48 17.87 6.23
N PRO A 204 -7.96 18.81 5.42
CA PRO A 204 -7.96 18.59 3.96
C PRO A 204 -6.55 18.45 3.44
N SER A 205 -6.37 17.59 2.44
CA SER A 205 -5.07 17.34 1.88
C SER A 205 -5.22 16.95 0.42
N SER A 206 -4.19 17.27 -0.37
CA SER A 206 -4.15 16.86 -1.76
C SER A 206 -3.67 15.41 -1.86
N THR A 207 -3.93 14.81 -3.01
CA THR A 207 -3.55 13.44 -3.25
C THR A 207 -3.41 13.23 -4.76
N GLY A 208 -2.49 12.37 -5.13
CA GLY A 208 -2.29 12.02 -6.53
C GLY A 208 -2.84 10.66 -6.92
N ALA A 209 -3.62 10.02 -6.05
CA ALA A 209 -4.05 8.65 -6.30
C ALA A 209 -4.98 8.56 -7.49
N ALA A 210 -5.88 9.53 -7.64
CA ALA A 210 -6.90 9.43 -8.70
C ALA A 210 -6.29 9.59 -10.08
N LYS A 211 -5.31 10.48 -10.23
CA LYS A 211 -4.63 10.59 -11.51
C LYS A 211 -3.59 9.49 -11.70
N ALA A 212 -3.07 8.93 -10.62
CA ALA A 212 -2.12 7.82 -10.73
C ALA A 212 -2.79 6.59 -11.32
N VAL A 213 -4.08 6.39 -11.06
CA VAL A 213 -4.83 5.28 -11.63
C VAL A 213 -4.84 5.36 -13.15
N GLY A 214 -4.83 6.58 -13.69
CA GLY A 214 -4.83 6.76 -15.13
C GLY A 214 -3.62 6.16 -15.83
N LYS A 215 -2.54 5.91 -15.09
CA LYS A 215 -1.34 5.30 -15.66
C LYS A 215 -1.36 3.78 -15.57
N VAL A 216 -1.85 3.21 -14.46
CA VAL A 216 -1.98 1.75 -14.38
C VAL A 216 -3.18 1.25 -15.16
N LEU A 217 -4.17 2.10 -15.43
CA LEU A 217 -5.31 1.77 -16.28
C LEU A 217 -5.46 2.91 -17.27
N PRO A 218 -4.77 2.84 -18.42
CA PRO A 218 -4.79 3.97 -19.37
C PRO A 218 -6.17 4.32 -19.87
N GLU A 219 -7.18 3.46 -19.71
CA GLU A 219 -8.51 3.76 -20.20
C GLU A 219 -9.10 4.97 -19.49
N LEU A 220 -8.83 5.11 -18.19
CA LEU A 220 -9.36 6.20 -17.38
C LEU A 220 -8.37 7.35 -17.25
N ASN A 221 -7.44 7.50 -18.20
CA ASN A 221 -6.50 8.60 -18.17
C ASN A 221 -7.24 9.93 -18.27
N GLY A 222 -6.97 10.82 -17.31
CA GLY A 222 -7.62 12.12 -17.30
C GLY A 222 -9.10 12.10 -17.02
N LYS A 223 -9.64 10.96 -16.56
CA LYS A 223 -11.06 10.84 -16.27
C LYS A 223 -11.37 10.87 -14.78
N LEU A 224 -10.36 10.89 -13.92
CA LEU A 224 -10.54 10.94 -12.47
C LEU A 224 -9.62 11.97 -11.86
N THR A 225 -10.09 12.58 -10.77
CA THR A 225 -9.24 13.38 -9.91
C THR A 225 -9.84 13.34 -8.51
N GLY A 226 -9.03 13.66 -7.51
CA GLY A 226 -9.44 13.41 -6.15
C GLY A 226 -8.95 14.39 -5.10
N MET A 227 -9.20 14.06 -3.83
CA MET A 227 -8.96 14.94 -2.70
C MET A 227 -9.11 14.09 -1.44
N ALA A 228 -8.57 14.59 -0.33
CA ALA A 228 -8.49 13.79 0.90
C ALA A 228 -8.88 14.63 2.11
N PHE A 229 -9.33 13.91 3.15
CA PHE A 229 -9.55 14.48 4.48
C PHE A 229 -8.86 13.58 5.48
N ARG A 230 -7.93 14.13 6.25
CA ARG A 230 -7.26 13.37 7.29
C ARG A 230 -7.99 13.56 8.62
N VAL A 231 -8.30 12.46 9.28
CA VAL A 231 -9.13 12.47 10.48
C VAL A 231 -8.38 11.75 11.62
N PRO A 232 -8.70 12.09 12.88
CA PRO A 232 -7.95 11.51 14.04
C PRO A 232 -8.34 10.07 14.35
N THR A 233 -8.02 9.16 13.43
CA THR A 233 -8.19 7.74 13.64
C THR A 233 -6.88 7.03 13.33
N PRO A 234 -6.45 6.08 14.17
CA PRO A 234 -5.10 5.53 14.02
C PRO A 234 -4.89 4.73 12.74
N ASN A 235 -5.90 4.01 12.26
CA ASN A 235 -5.69 3.15 11.10
C ASN A 235 -7.02 2.97 10.37
N VAL A 236 -6.92 2.44 9.15
CA VAL A 236 -8.04 2.13 8.25
C VAL A 236 -8.62 3.41 7.65
N SER A 237 -8.77 3.41 6.33
CA SER A 237 -9.27 4.55 5.57
C SER A 237 -10.44 4.09 4.72
N VAL A 238 -11.08 5.05 4.04
CA VAL A 238 -12.24 4.75 3.20
C VAL A 238 -12.23 5.68 2.00
N VAL A 239 -12.56 5.13 0.83
CA VAL A 239 -12.60 5.88 -0.42
C VAL A 239 -14.06 6.10 -0.80
N ASP A 240 -14.36 7.29 -1.29
CA ASP A 240 -15.70 7.65 -1.72
C ASP A 240 -15.62 8.10 -3.18
N LEU A 241 -16.14 7.29 -4.08
CA LEU A 241 -16.00 7.50 -5.51
C LEU A 241 -17.34 7.90 -6.13
N THR A 242 -17.39 9.10 -6.70
CA THR A 242 -18.55 9.61 -7.42
C THR A 242 -18.24 9.57 -8.91
N VAL A 243 -19.03 8.79 -9.67
CA VAL A 243 -18.75 8.58 -11.09
C VAL A 243 -20.04 8.65 -11.89
N ARG A 244 -19.89 9.04 -13.16
CA ARG A 244 -20.94 8.95 -14.17
C ARG A 244 -20.68 7.73 -15.05
N LEU A 245 -21.76 7.03 -15.40
CA LEU A 245 -21.66 5.79 -16.16
C LEU A 245 -22.22 5.98 -17.57
N GLU A 246 -21.53 5.37 -18.54
CA GLU A 246 -22.01 5.44 -19.93
C GLU A 246 -23.24 4.58 -20.12
N LYS A 247 -23.20 3.34 -19.64
CA LYS A 247 -24.35 2.45 -19.70
C LYS A 247 -25.09 2.50 -18.38
N ALA A 248 -26.41 2.66 -18.46
CA ALA A 248 -27.23 2.73 -17.26
C ALA A 248 -27.15 1.43 -16.47
N ALA A 249 -27.19 1.55 -15.14
CA ALA A 249 -27.05 0.39 -14.27
C ALA A 249 -27.67 0.71 -12.93
N THR A 250 -28.60 -0.12 -12.47
CA THR A 250 -29.15 0.03 -11.14
C THR A 250 -28.08 -0.27 -10.10
N TYR A 251 -28.37 0.10 -8.85
CA TYR A 251 -27.41 -0.14 -7.78
C TYR A 251 -27.22 -1.63 -7.53
N GLU A 252 -28.28 -2.42 -7.68
CA GLU A 252 -28.16 -3.87 -7.51
C GLU A 252 -27.27 -4.49 -8.57
N GLN A 253 -27.30 -3.95 -9.80
CA GLN A 253 -26.39 -4.42 -10.83
C GLN A 253 -24.94 -4.12 -10.47
N ILE A 254 -24.71 -2.97 -9.84
CA ILE A 254 -23.35 -2.63 -9.41
C ILE A 254 -22.89 -3.54 -8.29
N LYS A 255 -23.77 -3.78 -7.30
CA LYS A 255 -23.46 -4.72 -6.24
C LYS A 255 -23.10 -6.08 -6.82
N ALA A 256 -23.91 -6.58 -7.76
CA ALA A 256 -23.66 -7.90 -8.32
C ALA A 256 -22.37 -7.94 -9.12
N ALA A 257 -22.04 -6.85 -9.81
CA ALA A 257 -20.78 -6.80 -10.55
C ALA A 257 -19.60 -6.88 -9.60
N VAL A 258 -19.57 -6.04 -8.57
CA VAL A 258 -18.48 -6.07 -7.59
C VAL A 258 -18.42 -7.42 -6.89
N LYS A 259 -19.58 -7.91 -6.44
CA LYS A 259 -19.63 -9.21 -5.76
C LYS A 259 -19.04 -10.31 -6.64
N ALA A 260 -19.31 -10.28 -7.94
CA ALA A 260 -18.80 -11.32 -8.83
C ALA A 260 -17.28 -11.24 -8.93
N ALA A 261 -16.73 -10.02 -8.98
CA ALA A 261 -15.28 -9.88 -9.06
C ALA A 261 -14.61 -10.34 -7.77
N ALA A 262 -15.20 -10.02 -6.62
CA ALA A 262 -14.61 -10.40 -5.35
C ALA A 262 -14.61 -11.90 -5.14
N GLU A 263 -15.57 -12.61 -5.71
CA GLU A 263 -15.58 -14.06 -5.65
C GLU A 263 -14.93 -14.71 -6.87
N GLY A 264 -14.60 -13.93 -7.89
CA GLY A 264 -14.02 -14.47 -9.10
C GLY A 264 -12.57 -14.08 -9.30
N GLU A 265 -12.30 -13.28 -10.32
CA GLU A 265 -10.92 -13.01 -10.74
C GLU A 265 -10.16 -12.23 -9.67
N MET A 266 -10.84 -11.44 -8.86
CA MET A 266 -10.18 -10.56 -7.90
C MET A 266 -10.36 -11.01 -6.46
N LYS A 267 -10.52 -12.31 -6.23
CA LYS A 267 -10.61 -12.82 -4.88
C LYS A 267 -9.27 -12.60 -4.17
N GLY A 268 -9.34 -12.08 -2.93
CA GLY A 268 -8.16 -11.73 -2.18
C GLY A 268 -7.68 -10.31 -2.39
N VAL A 269 -8.06 -9.67 -3.50
CA VAL A 269 -7.75 -8.27 -3.76
C VAL A 269 -8.94 -7.38 -3.48
N LEU A 270 -10.10 -7.73 -4.04
CA LEU A 270 -11.34 -6.97 -3.88
C LEU A 270 -12.25 -7.71 -2.91
N GLY A 271 -12.82 -6.97 -1.97
CA GLY A 271 -13.71 -7.55 -0.98
C GLY A 271 -15.12 -7.01 -1.07
N TYR A 272 -16.07 -7.69 -0.44
CA TYR A 272 -17.47 -7.32 -0.53
C TYR A 272 -18.16 -7.60 0.80
N THR A 273 -18.95 -6.64 1.28
CA THR A 273 -19.67 -6.83 2.53
C THR A 273 -21.03 -6.14 2.44
N GLU A 274 -22.02 -6.73 3.11
CA GLU A 274 -23.35 -6.13 3.22
C GLU A 274 -23.70 -5.84 4.68
N ASP A 275 -22.70 -5.80 5.55
CA ASP A 275 -22.91 -5.67 6.99
C ASP A 275 -22.72 -4.22 7.44
N ASP A 276 -23.12 -3.98 8.69
CA ASP A 276 -23.04 -2.65 9.32
C ASP A 276 -21.66 -2.46 9.95
N VAL A 277 -20.65 -2.42 9.09
CA VAL A 277 -19.26 -2.37 9.53
C VAL A 277 -18.85 -0.95 9.86
N VAL A 278 -17.75 -0.81 10.60
CA VAL A 278 -17.08 0.45 10.85
C VAL A 278 -15.58 0.23 10.64
N SER A 279 -14.81 1.33 10.73
CA SER A 279 -13.41 1.28 10.33
C SER A 279 -12.61 0.23 11.10
N THR A 280 -12.91 0.04 12.40
CA THR A 280 -12.13 -0.93 13.17
C THR A 280 -12.35 -2.35 12.67
N ASP A 281 -13.50 -2.64 12.06
CA ASP A 281 -13.77 -3.97 11.57
C ASP A 281 -12.83 -4.41 10.45
N PHE A 282 -12.01 -3.50 9.92
CA PHE A 282 -11.05 -3.83 8.88
C PHE A 282 -9.61 -3.68 9.35
N ASN A 283 -9.39 -3.57 10.65
CA ASN A 283 -8.04 -3.55 11.19
C ASN A 283 -7.38 -4.91 10.97
N GLY A 284 -6.43 -4.96 10.04
CA GLY A 284 -5.79 -6.21 9.68
C GLY A 284 -6.35 -6.88 8.44
N GLU A 285 -7.23 -6.21 7.70
CA GLU A 285 -7.79 -6.78 6.49
C GLU A 285 -6.69 -6.92 5.42
N VAL A 286 -6.73 -8.03 4.69
CA VAL A 286 -5.70 -8.30 3.70
C VAL A 286 -6.08 -7.78 2.32
N CYS A 287 -7.37 -7.87 1.96
CA CYS A 287 -7.82 -7.30 0.70
C CYS A 287 -7.55 -5.80 0.68
N THR A 288 -7.05 -5.31 -0.44
CA THR A 288 -6.75 -3.89 -0.57
C THR A 288 -7.97 -3.04 -0.87
N SER A 289 -9.16 -3.64 -0.94
CA SER A 289 -10.36 -2.90 -1.29
C SER A 289 -11.61 -3.69 -0.92
N VAL A 290 -12.36 -3.23 0.07
CA VAL A 290 -13.58 -3.90 0.52
C VAL A 290 -14.77 -3.00 0.22
N PHE A 291 -15.58 -3.41 -0.75
CA PHE A 291 -16.77 -2.67 -1.13
C PHE A 291 -17.81 -2.69 -0.02
N ASP A 292 -18.38 -1.53 0.29
CA ASP A 292 -19.42 -1.40 1.30
C ASP A 292 -20.75 -1.20 0.56
N ALA A 293 -21.54 -2.29 0.49
CA ALA A 293 -22.75 -2.26 -0.32
C ALA A 293 -23.78 -1.32 0.27
N LYS A 294 -23.92 -1.34 1.58
CA LYS A 294 -25.02 -0.66 2.25
C LYS A 294 -24.77 0.84 2.40
N ALA A 295 -23.54 1.30 2.27
CA ALA A 295 -23.22 2.71 2.46
C ALA A 295 -23.27 3.52 1.16
N GLY A 296 -23.11 2.88 0.01
CA GLY A 296 -23.20 3.60 -1.24
C GLY A 296 -24.61 4.10 -1.51
N ILE A 297 -24.70 5.12 -2.36
CA ILE A 297 -25.96 5.74 -2.72
C ILE A 297 -25.99 5.96 -4.23
N ALA A 298 -27.20 5.98 -4.79
CA ALA A 298 -27.40 6.23 -6.21
C ALA A 298 -28.49 7.28 -6.38
N LEU A 299 -28.17 8.35 -7.09
CA LEU A 299 -29.20 9.34 -7.40
C LEU A 299 -30.09 8.86 -8.54
N ASN A 300 -29.48 8.42 -9.64
CA ASN A 300 -30.18 7.80 -10.76
C ASN A 300 -29.29 6.71 -11.35
N ASP A 301 -29.77 6.08 -12.42
CA ASP A 301 -29.08 4.94 -13.00
C ASP A 301 -27.72 5.28 -13.63
N ASN A 302 -27.36 6.57 -13.72
CA ASN A 302 -26.11 6.96 -14.36
C ASN A 302 -25.21 7.82 -13.47
N PHE A 303 -25.61 8.09 -12.23
CA PHE A 303 -24.84 8.94 -11.33
C PHE A 303 -24.86 8.27 -9.96
N VAL A 304 -23.72 7.73 -9.54
CA VAL A 304 -23.67 6.86 -8.37
C VAL A 304 -22.45 7.20 -7.51
N LYS A 305 -22.53 6.81 -6.25
CA LYS A 305 -21.51 7.10 -5.26
C LYS A 305 -21.14 5.81 -4.54
N LEU A 306 -19.91 5.34 -4.72
CA LEU A 306 -19.45 4.07 -4.17
C LEU A 306 -18.40 4.30 -3.10
N VAL A 307 -18.48 3.50 -2.02
CA VAL A 307 -17.55 3.61 -0.92
C VAL A 307 -16.88 2.25 -0.69
N SER A 308 -15.61 2.29 -0.30
CA SER A 308 -14.84 1.07 -0.12
C SER A 308 -13.73 1.32 0.89
N TRP A 309 -13.54 0.37 1.80
CA TRP A 309 -12.57 0.50 2.88
C TRP A 309 -11.23 -0.09 2.49
N TYR A 310 -10.19 0.36 3.19
CA TYR A 310 -8.87 -0.25 3.04
C TYR A 310 -8.03 0.05 4.28
N ASP A 311 -7.33 -0.97 4.76
CA ASP A 311 -6.29 -0.80 5.77
C ASP A 311 -5.04 -0.29 5.06
N ASN A 312 -4.69 0.97 5.31
CA ASN A 312 -3.61 1.59 4.53
C ASN A 312 -2.23 1.04 4.87
N GLU A 313 -2.12 0.11 5.82
CA GLU A 313 -0.86 -0.54 6.16
C GLU A 313 -0.85 -2.01 5.83
N THR A 314 -1.86 -2.77 6.27
CA THR A 314 -1.83 -4.22 6.15
C THR A 314 -2.01 -4.66 4.71
N GLY A 315 -3.07 -4.20 4.05
CA GLY A 315 -3.35 -4.64 2.70
C GLY A 315 -2.27 -4.23 1.72
N TYR A 316 -1.75 -3.01 1.86
CA TYR A 316 -0.69 -2.54 0.97
C TYR A 316 0.56 -3.39 1.12
N SER A 317 0.96 -3.67 2.37
CA SER A 317 2.15 -4.47 2.61
C SER A 317 2.00 -5.88 2.03
N ASN A 318 0.81 -6.47 2.17
CA ASN A 318 0.61 -7.82 1.62
C ASN A 318 0.73 -7.82 0.11
N LYS A 319 0.41 -6.71 -0.54
CA LYS A 319 0.40 -6.68 -2.00
C LYS A 319 1.79 -6.41 -2.58
N VAL A 320 2.67 -5.73 -1.83
CA VAL A 320 4.03 -5.60 -2.33
C VAL A 320 4.75 -6.95 -2.23
N LEU A 321 4.34 -7.80 -1.29
CA LEU A 321 4.85 -9.16 -1.27
C LEU A 321 4.36 -9.95 -2.47
N ASP A 322 3.09 -9.75 -2.84
CA ASP A 322 2.56 -10.37 -4.05
C ASP A 322 3.27 -9.84 -5.30
N LEU A 323 3.66 -8.57 -5.28
CA LEU A 323 4.42 -8.02 -6.40
C LEU A 323 5.84 -8.59 -6.44
N ILE A 324 6.44 -8.80 -5.28
CA ILE A 324 7.77 -9.41 -5.24
C ILE A 324 7.71 -10.82 -5.77
N ALA A 325 6.71 -11.59 -5.34
CA ALA A 325 6.58 -12.97 -5.82
C ALA A 325 6.26 -13.00 -7.31
N HIS A 326 5.54 -11.99 -7.82
CA HIS A 326 5.15 -11.99 -9.22
C HIS A 326 6.30 -11.68 -10.15
N ILE A 327 7.28 -10.91 -9.70
CA ILE A 327 8.40 -10.54 -10.56
C ILE A 327 9.56 -11.53 -10.49
N SER A 328 9.44 -12.56 -9.66
CA SER A 328 10.45 -13.63 -9.60
C SER A 328 9.94 -14.94 -10.17
N LYS A 329 8.79 -14.91 -10.86
CA LYS A 329 8.18 -16.13 -11.40
C LYS A 329 8.76 -16.49 -12.76
AG AG B . -11.74 -9.82 1.96
AG AG C . -8.80 -10.91 1.66
#